data_5V6J
#
_entry.id   5V6J
#
_cell.length_a   53.265
_cell.length_b   56.098
_cell.length_c   62.728
_cell.angle_alpha   90.00
_cell.angle_beta   92.69
_cell.angle_gamma   90.00
#
_symmetry.space_group_name_H-M   'P 1 21 1'
#
loop_
_entity.id
_entity.type
_entity.pdbx_description
1 polymer 'TMV resistance protein Y3'
2 non-polymer '2-[N-CYCLOHEXYLAMINO]ETHANE SULFONIC ACID'
3 water water
#
_entity_poly.entity_id   1
_entity_poly.type   'polypeptide(L)'
_entity_poly.pdbx_seq_one_letter_code
;(PCA)DPLSCYDNFGNRDVAACARFIDDFCDTLTPNIYRPRDNGQRCYVVNGHKCDFTVFNTNNGGSPIRASTPNCKTVL
RAAANRCPTGGRGKINPSAPFLFAIDPNDGDCSTDF
;
_entity_poly.pdbx_strand_id   A,B,C,D
#
loop_
_chem_comp.id
_chem_comp.type
_chem_comp.name
_chem_comp.formula
NHE non-polymer '2-[N-CYCLOHEXYLAMINO]ETHANE SULFONIC ACID' 'C8 H17 N O3 S'
#
# COMPACT_ATOMS: atom_id res chain seq x y z
N PCA A 1 24.46 -4.99 -31.84
CA PCA A 1 23.02 -4.81 -31.86
CB PCA A 1 22.64 -3.34 -31.73
CG PCA A 1 23.92 -2.55 -31.92
CD PCA A 1 24.98 -3.63 -31.90
OE PCA A 1 26.18 -3.37 -31.91
C PCA A 1 22.49 -5.38 -33.18
O PCA A 1 22.33 -4.65 -34.17
N ASP A 2 22.27 -6.68 -33.18
CA ASP A 2 21.76 -7.43 -34.33
C ASP A 2 21.36 -8.80 -33.83
N PRO A 3 20.05 -9.09 -33.75
CA PRO A 3 18.92 -8.24 -34.13
C PRO A 3 18.73 -7.06 -33.18
N LEU A 4 18.07 -6.01 -33.68
CA LEU A 4 17.62 -4.90 -32.87
C LEU A 4 16.28 -4.47 -33.43
N SER A 5 15.23 -4.53 -32.60
CA SER A 5 13.87 -4.28 -33.03
C SER A 5 13.22 -3.25 -32.13
N CYS A 6 12.43 -2.36 -32.71
CA CYS A 6 11.72 -1.34 -31.95
C CYS A 6 10.31 -1.80 -31.61
N TYR A 7 9.81 -1.35 -30.46
CA TYR A 7 8.40 -1.54 -30.17
C TYR A 7 7.56 -0.60 -31.06
N ASP A 8 6.23 -0.77 -31.02
CA ASP A 8 5.38 -0.04 -31.96
C ASP A 8 5.25 1.42 -31.57
N ASN A 9 4.61 2.19 -32.47
CA ASN A 9 4.49 3.64 -32.35
C ASN A 9 3.22 4.08 -31.63
N PHE A 10 2.55 3.17 -30.93
CA PHE A 10 1.32 3.50 -30.21
C PHE A 10 1.55 3.86 -28.75
N GLY A 11 2.77 3.69 -28.23
CA GLY A 11 3.03 3.99 -26.84
C GLY A 11 3.01 5.48 -26.56
N ASN A 12 2.63 5.82 -25.33
CA ASN A 12 2.48 7.20 -24.88
C ASN A 12 3.75 7.79 -24.29
N ARG A 13 4.81 6.99 -24.12
CA ARG A 13 5.98 7.40 -23.36
C ARG A 13 7.22 7.29 -24.23
N ASP A 14 8.15 8.22 -24.03
CA ASP A 14 9.37 8.29 -24.83
C ASP A 14 10.52 7.59 -24.11
N VAL A 15 11.38 6.91 -24.89
CA VAL A 15 12.46 6.12 -24.32
C VAL A 15 13.59 7.00 -23.78
N ALA A 16 13.67 8.27 -24.22
CA ALA A 16 14.81 9.10 -23.83
C ALA A 16 14.91 9.24 -22.32
N ALA A 17 13.78 9.31 -21.63
CA ALA A 17 13.80 9.40 -20.17
C ALA A 17 14.30 8.14 -19.50
N CYS A 18 14.39 7.03 -20.22
CA CYS A 18 14.86 5.76 -19.67
C CYS A 18 16.35 5.54 -19.88
N ALA A 19 16.97 6.27 -20.81
CA ALA A 19 18.37 6.04 -21.12
C ALA A 19 19.25 6.25 -19.89
N ARG A 20 18.82 7.13 -18.98
CA ARG A 20 19.58 7.43 -17.77
C ARG A 20 19.78 6.21 -16.87
N PHE A 21 19.02 5.14 -17.07
CA PHE A 21 19.08 3.96 -16.22
C PHE A 21 19.82 2.78 -16.85
N ILE A 22 20.29 2.92 -18.09
CA ILE A 22 20.92 1.80 -18.79
C ILE A 22 22.13 1.28 -18.03
N ASP A 23 23.03 2.19 -17.61
CA ASP A 23 24.25 1.73 -16.97
C ASP A 23 23.96 1.00 -15.67
N ASP A 24 23.08 1.57 -14.84
CA ASP A 24 22.70 0.92 -13.59
C ASP A 24 22.11 -0.47 -13.85
N PHE A 25 21.17 -0.57 -14.79
CA PHE A 25 20.56 -1.87 -15.07
C PHE A 25 21.59 -2.88 -15.53
N CYS A 26 22.39 -2.51 -16.53
CA CYS A 26 23.38 -3.45 -17.04
C CYS A 26 24.41 -3.81 -15.99
N ASP A 27 24.90 -2.82 -15.22
CA ASP A 27 25.91 -3.11 -14.20
C ASP A 27 25.39 -4.09 -13.15
N THR A 28 24.10 -3.98 -12.79
CA THR A 28 23.60 -4.74 -11.65
C THR A 28 23.03 -6.10 -12.03
N LEU A 29 22.41 -6.25 -13.19
CA LEU A 29 21.75 -7.51 -13.52
C LEU A 29 22.54 -8.44 -14.44
N THR A 30 23.51 -7.94 -15.20
CA THR A 30 24.23 -8.87 -16.08
C THR A 30 25.16 -9.87 -15.37
N PRO A 31 25.76 -9.56 -14.22
CA PRO A 31 26.63 -10.55 -13.57
C PRO A 31 25.91 -11.79 -13.05
N ASN A 32 24.57 -11.76 -12.97
CA ASN A 32 23.84 -12.92 -12.46
C ASN A 32 23.84 -14.04 -13.48
N ILE A 33 23.86 -15.27 -12.98
CA ILE A 33 23.70 -16.46 -13.79
C ILE A 33 22.21 -16.72 -14.02
N TYR A 34 21.82 -16.87 -15.30
CA TYR A 34 20.44 -17.11 -15.70
C TYR A 34 20.31 -18.48 -16.37
N ARG A 35 19.35 -19.26 -15.90
CA ARG A 35 18.98 -20.53 -16.51
C ARG A 35 18.36 -20.28 -17.89
N PRO A 36 18.41 -21.29 -18.77
CA PRO A 36 17.80 -21.14 -20.10
C PRO A 36 16.33 -20.74 -20.01
N ARG A 37 15.97 -19.67 -20.70
CA ARG A 37 14.61 -19.12 -20.77
C ARG A 37 14.16 -18.40 -19.51
N ASP A 38 15.07 -18.10 -18.58
CA ASP A 38 14.77 -17.27 -17.43
C ASP A 38 15.12 -15.81 -17.73
N ASN A 39 14.62 -14.89 -16.88
CA ASN A 39 14.91 -13.47 -17.07
C ASN A 39 15.20 -12.78 -15.74
N GLY A 40 15.80 -11.59 -15.86
CA GLY A 40 15.84 -10.64 -14.78
C GLY A 40 15.36 -9.29 -15.28
N GLN A 41 14.75 -8.52 -14.38
CA GLN A 41 14.16 -7.24 -14.77
C GLN A 41 14.41 -6.20 -13.68
N ARG A 42 14.38 -4.93 -14.09
CA ARG A 42 14.25 -3.83 -13.15
C ARG A 42 13.23 -2.84 -13.67
N CYS A 43 12.54 -2.20 -12.74
CA CYS A 43 11.57 -1.16 -13.02
C CYS A 43 12.04 0.13 -12.35
N TYR A 44 12.06 1.24 -13.11
CA TYR A 44 12.47 2.54 -12.61
C TYR A 44 11.37 3.56 -12.88
N VAL A 45 11.02 4.37 -11.88
CA VAL A 45 10.01 5.41 -12.06
C VAL A 45 10.64 6.66 -12.68
N VAL A 46 9.95 7.26 -13.65
CA VAL A 46 10.36 8.53 -14.26
C VAL A 46 9.15 9.21 -14.90
N ASN A 47 9.08 10.54 -14.76
CA ASN A 47 8.13 11.38 -15.51
C ASN A 47 6.69 10.92 -15.37
N GLY A 48 6.32 10.45 -14.19
CA GLY A 48 4.98 9.94 -13.98
C GLY A 48 4.70 8.61 -14.66
N HIS A 49 5.74 7.97 -15.20
CA HIS A 49 5.61 6.67 -15.84
C HIS A 49 6.79 5.82 -15.35
N LYS A 50 7.10 4.77 -16.10
CA LYS A 50 8.16 3.85 -15.68
C LYS A 50 8.99 3.38 -16.88
N CYS A 51 10.14 2.82 -16.56
CA CYS A 51 11.07 2.21 -17.51
C CYS A 51 11.32 0.78 -17.08
N ASP A 52 10.98 -0.17 -17.96
CA ASP A 52 11.09 -1.60 -17.68
C ASP A 52 12.23 -2.18 -18.51
N PHE A 53 13.23 -2.73 -17.82
CA PHE A 53 14.42 -3.30 -18.43
C PHE A 53 14.39 -4.81 -18.24
N THR A 54 14.84 -5.54 -19.25
CA THR A 54 14.89 -7.01 -19.18
C THR A 54 16.22 -7.52 -19.72
N VAL A 55 16.74 -8.56 -19.06
CA VAL A 55 17.78 -9.43 -19.58
C VAL A 55 17.21 -10.84 -19.61
N PHE A 56 17.30 -11.51 -20.77
CA PHE A 56 16.60 -12.77 -21.02
C PHE A 56 17.56 -13.75 -21.67
N ASN A 57 17.74 -14.93 -21.05
CA ASN A 57 18.54 -15.99 -21.66
C ASN A 57 17.70 -16.71 -22.70
N THR A 58 17.95 -16.43 -23.99
CA THR A 58 17.14 -17.03 -25.05
C THR A 58 17.46 -18.50 -25.29
N ASN A 59 18.57 -19.03 -24.75
CA ASN A 59 18.90 -20.44 -24.95
C ASN A 59 17.76 -21.33 -24.46
N ASN A 60 17.49 -22.40 -25.21
CA ASN A 60 16.48 -23.37 -24.79
C ASN A 60 17.02 -24.43 -23.84
N GLY A 61 18.32 -24.62 -23.78
CA GLY A 61 18.93 -25.58 -22.89
C GLY A 61 20.32 -25.13 -22.52
N GLY A 62 21.17 -26.08 -22.18
CA GLY A 62 22.54 -25.79 -21.86
C GLY A 62 22.71 -25.25 -20.44
N SER A 63 23.95 -24.90 -20.13
CA SER A 63 24.29 -24.46 -18.79
C SER A 63 23.67 -23.09 -18.51
N PRO A 64 23.21 -22.85 -17.28
CA PRO A 64 22.95 -21.47 -16.86
C PRO A 64 24.23 -20.64 -17.01
N ILE A 65 24.08 -19.39 -17.48
CA ILE A 65 25.21 -18.53 -17.85
C ILE A 65 24.93 -17.10 -17.42
N ARG A 66 26.00 -16.35 -17.17
CA ARG A 66 25.86 -14.92 -16.92
C ARG A 66 25.92 -14.16 -18.23
N ALA A 67 25.48 -12.91 -18.20
CA ALA A 67 25.42 -12.06 -19.38
C ALA A 67 26.58 -11.07 -19.42
N SER A 68 26.77 -10.45 -20.58
CA SER A 68 27.85 -9.49 -20.80
C SER A 68 27.40 -8.08 -20.43
N THR A 69 28.14 -7.47 -19.50
CA THR A 69 27.87 -6.08 -19.12
C THR A 69 28.07 -5.13 -20.29
N PRO A 70 29.21 -5.12 -20.99
CA PRO A 70 29.34 -4.19 -22.14
C PRO A 70 28.35 -4.48 -23.25
N ASN A 71 28.03 -5.75 -23.53
CA ASN A 71 27.07 -6.02 -24.60
C ASN A 71 25.69 -5.49 -24.25
N CYS A 72 25.30 -5.61 -22.97
CA CYS A 72 24.04 -5.03 -22.51
C CYS A 72 23.99 -3.54 -22.82
N LYS A 73 25.06 -2.83 -22.50
CA LYS A 73 25.07 -1.38 -22.73
C LYS A 73 25.04 -1.06 -24.22
N THR A 74 25.82 -1.78 -25.02
CA THR A 74 25.84 -1.53 -26.47
C THR A 74 24.44 -1.72 -27.06
N VAL A 75 23.77 -2.81 -26.68
CA VAL A 75 22.44 -3.09 -27.23
C VAL A 75 21.44 -2.04 -26.77
N LEU A 76 21.39 -1.76 -25.47
CA LEU A 76 20.34 -0.88 -24.96
C LEU A 76 20.56 0.57 -25.41
N ARG A 77 21.81 1.01 -25.52
CA ARG A 77 22.07 2.33 -26.08
C ARG A 77 21.61 2.42 -27.53
N ALA A 78 21.85 1.36 -28.30
CA ALA A 78 21.35 1.34 -29.67
C ALA A 78 19.83 1.43 -29.71
N ALA A 79 19.15 0.67 -28.86
CA ALA A 79 17.69 0.75 -28.79
C ALA A 79 17.23 2.15 -28.42
N ALA A 80 17.88 2.77 -27.43
CA ALA A 80 17.49 4.11 -27.01
C ALA A 80 17.71 5.13 -28.11
N ASN A 81 18.76 4.95 -28.92
CA ASN A 81 19.05 5.91 -29.98
C ASN A 81 18.21 5.69 -31.22
N ARG A 82 17.77 4.45 -31.47
CA ARG A 82 17.11 4.11 -32.72
C ARG A 82 15.61 3.85 -32.59
N CYS A 83 15.08 3.72 -31.37
CA CYS A 83 13.69 3.31 -31.14
C CYS A 83 13.00 4.26 -30.17
N PRO A 84 12.26 5.26 -30.67
CA PRO A 84 11.68 6.27 -29.76
C PRO A 84 10.76 5.71 -28.68
N THR A 85 10.09 4.58 -28.91
CA THR A 85 9.25 3.97 -27.88
C THR A 85 9.88 2.74 -27.26
N GLY A 86 11.21 2.60 -27.35
CA GLY A 86 11.91 1.48 -26.76
C GLY A 86 12.12 0.35 -27.73
N GLY A 87 12.95 -0.61 -27.33
CA GLY A 87 13.21 -1.76 -28.17
C GLY A 87 14.04 -2.81 -27.45
N ARG A 88 14.51 -3.78 -28.24
CA ARG A 88 15.15 -4.97 -27.68
C ARG A 88 16.09 -5.55 -28.73
N GLY A 89 17.09 -6.31 -28.29
CA GLY A 89 17.97 -6.95 -29.23
C GLY A 89 19.06 -7.75 -28.57
N LYS A 90 19.98 -8.26 -29.39
CA LYS A 90 21.16 -9.01 -28.94
C LYS A 90 22.39 -8.39 -29.59
N ILE A 91 23.57 -8.70 -29.03
CA ILE A 91 24.80 -8.12 -29.54
C ILE A 91 25.10 -8.63 -30.96
N ASN A 92 24.83 -9.91 -31.21
CA ASN A 92 24.96 -10.53 -32.51
C ASN A 92 23.97 -11.69 -32.56
N PRO A 93 23.67 -12.21 -33.75
CA PRO A 93 22.55 -13.17 -33.87
C PRO A 93 22.74 -14.45 -33.08
N SER A 94 23.96 -14.88 -32.81
CA SER A 94 24.17 -16.12 -32.09
C SER A 94 24.26 -15.94 -30.58
N ALA A 95 24.31 -14.70 -30.10
CA ALA A 95 24.49 -14.46 -28.68
C ALA A 95 23.28 -14.95 -27.90
N PRO A 96 23.48 -15.53 -26.71
CA PRO A 96 22.34 -16.06 -25.96
C PRO A 96 21.42 -14.99 -25.37
N PHE A 97 21.94 -13.86 -24.92
CA PHE A 97 21.10 -12.91 -24.18
C PHE A 97 20.44 -11.86 -25.06
N LEU A 98 19.16 -11.61 -24.76
CA LEU A 98 18.39 -10.50 -25.29
C LEU A 98 18.21 -9.46 -24.19
N PHE A 99 18.35 -8.19 -24.55
CA PHE A 99 18.17 -7.07 -23.62
C PHE A 99 17.08 -6.16 -24.15
N ALA A 100 16.24 -5.64 -23.26
CA ALA A 100 15.12 -4.77 -23.66
C ALA A 100 15.05 -3.56 -22.76
N ILE A 101 14.66 -2.43 -23.35
CA ILE A 101 14.41 -1.17 -22.64
C ILE A 101 13.04 -0.66 -23.10
N ASP A 102 12.10 -0.53 -22.15
CA ASP A 102 10.68 -0.36 -22.48
C ASP A 102 10.05 0.73 -21.61
N PRO A 103 9.80 1.91 -22.16
CA PRO A 103 9.04 2.93 -21.42
C PRO A 103 7.57 2.55 -21.40
N ASN A 104 6.95 2.67 -20.23
CA ASN A 104 5.57 2.20 -20.05
C ASN A 104 4.81 3.12 -19.12
N ASP A 105 3.48 3.14 -19.30
CA ASP A 105 2.61 3.75 -18.32
C ASP A 105 2.53 2.88 -17.08
N GLY A 106 2.23 3.50 -15.95
CA GLY A 106 2.09 2.80 -14.69
C GLY A 106 3.25 3.06 -13.77
N ASP A 107 3.44 2.15 -12.83
CA ASP A 107 4.51 2.31 -11.85
C ASP A 107 5.05 0.95 -11.46
N CYS A 108 6.01 0.97 -10.54
CA CYS A 108 6.74 -0.23 -10.17
C CYS A 108 6.16 -0.94 -8.96
N SER A 109 4.95 -0.56 -8.54
CA SER A 109 4.32 -1.11 -7.34
C SER A 109 3.25 -2.14 -7.64
N THR A 110 3.00 -2.46 -8.90
CA THR A 110 1.82 -3.23 -9.28
C THR A 110 2.20 -4.63 -9.76
N ASP A 111 1.22 -5.53 -9.70
CA ASP A 111 1.28 -6.87 -10.27
C ASP A 111 2.14 -7.82 -9.45
N PHE A 112 2.26 -7.52 -8.16
CA PHE A 112 2.83 -8.47 -7.19
C PHE A 112 2.26 -8.14 -5.83
N PCA B 1 8.39 -11.13 9.21
CA PCA B 1 7.31 -11.47 8.28
CB PCA B 1 7.27 -12.98 8.06
CG PCA B 1 8.12 -13.59 9.17
CD PCA B 1 8.84 -12.41 9.73
OE PCA B 1 9.75 -12.51 10.56
C PCA B 1 6.01 -10.94 8.84
O PCA B 1 5.19 -11.66 9.42
N ASP B 2 5.82 -9.63 8.66
CA ASP B 2 4.62 -8.91 9.06
C ASP B 2 4.65 -7.55 8.37
N PRO B 3 3.77 -7.32 7.39
CA PRO B 3 2.70 -8.20 6.90
C PRO B 3 3.24 -9.40 6.14
N LEU B 4 2.45 -10.46 6.12
CA LEU B 4 2.71 -11.61 5.26
C LEU B 4 1.34 -12.03 4.74
N SER B 5 1.10 -11.80 3.45
CA SER B 5 -0.22 -11.98 2.86
C SER B 5 -0.15 -12.94 1.69
N CYS B 6 -1.05 -13.92 1.68
CA CYS B 6 -1.10 -14.90 0.62
C CYS B 6 -1.90 -14.37 -0.57
N TYR B 7 -1.49 -14.78 -1.75
CA TYR B 7 -2.25 -14.43 -2.95
C TYR B 7 -3.58 -15.18 -2.99
N ASP B 8 -4.57 -14.53 -3.64
CA ASP B 8 -5.86 -15.12 -3.93
C ASP B 8 -6.12 -15.27 -5.44
N ASN B 9 -5.12 -14.98 -6.28
CA ASN B 9 -5.32 -14.89 -7.72
C ASN B 9 -5.79 -16.23 -8.30
N PHE B 10 -6.87 -16.17 -9.09
CA PHE B 10 -7.48 -17.39 -9.64
C PHE B 10 -6.48 -18.18 -10.45
N GLY B 11 -6.42 -19.49 -10.18
CA GLY B 11 -5.57 -20.38 -10.94
C GLY B 11 -4.09 -20.33 -10.62
N ASN B 12 -3.65 -19.61 -9.58
CA ASN B 12 -2.23 -19.63 -9.23
C ASN B 12 -1.80 -21.08 -9.00
N ARG B 13 -0.51 -21.31 -9.19
CA ARG B 13 0.04 -22.64 -9.04
C ARG B 13 0.58 -22.81 -7.62
N ASP B 14 1.10 -23.99 -7.32
CA ASP B 14 1.62 -24.24 -5.98
C ASP B 14 3.01 -23.65 -5.85
N VAL B 15 3.20 -22.85 -4.80
CA VAL B 15 4.47 -22.16 -4.54
C VAL B 15 5.61 -23.15 -4.26
N ALA B 16 5.29 -24.40 -3.93
CA ALA B 16 6.34 -25.33 -3.52
C ALA B 16 7.41 -25.51 -4.59
N ALA B 17 7.05 -25.42 -5.87
CA ALA B 17 8.03 -25.57 -6.94
C ALA B 17 8.92 -24.35 -7.09
N CYS B 18 8.55 -23.23 -6.48
CA CYS B 18 9.31 -21.99 -6.60
C CYS B 18 10.27 -21.76 -5.44
N ALA B 19 10.13 -22.50 -4.35
CA ALA B 19 10.96 -22.24 -3.17
C ALA B 19 12.44 -22.42 -3.46
N ARG B 20 12.77 -23.30 -4.41
CA ARG B 20 14.16 -23.56 -4.77
C ARG B 20 14.88 -22.32 -5.26
N PHE B 21 14.17 -21.28 -5.66
CA PHE B 21 14.80 -20.09 -6.22
C PHE B 21 14.96 -18.95 -5.22
N ILE B 22 14.44 -19.11 -3.99
CA ILE B 22 14.46 -18.03 -3.01
C ILE B 22 15.88 -17.53 -2.76
N ASP B 23 16.80 -18.44 -2.46
CA ASP B 23 18.15 -17.99 -2.11
C ASP B 23 18.82 -17.31 -3.30
N ASP B 24 18.67 -17.87 -4.50
CA ASP B 24 19.25 -17.25 -5.69
C ASP B 24 18.70 -15.85 -5.90
N PHE B 25 17.37 -15.70 -5.81
CA PHE B 25 16.76 -14.39 -6.00
C PHE B 25 17.27 -13.40 -4.98
N CYS B 26 17.20 -13.78 -3.71
CA CYS B 26 17.61 -12.86 -2.64
C CYS B 26 19.10 -12.53 -2.75
N ASP B 27 19.94 -13.54 -2.97
CA ASP B 27 21.38 -13.29 -3.05
C ASP B 27 21.72 -12.36 -4.19
N THR B 28 21.03 -12.48 -5.33
CA THR B 28 21.41 -11.70 -6.49
C THR B 28 20.80 -10.31 -6.52
N LEU B 29 19.55 -10.14 -6.07
CA LEU B 29 18.89 -8.85 -6.25
C LEU B 29 18.91 -7.95 -5.03
N THR B 30 19.04 -8.49 -3.82
CA THR B 30 19.01 -7.60 -2.66
C THR B 30 20.22 -6.66 -2.53
N PRO B 31 21.42 -7.00 -2.99
CA PRO B 31 22.54 -6.04 -2.82
C PRO B 31 22.45 -4.81 -3.70
N ASN B 32 21.56 -4.78 -4.69
CA ASN B 32 21.43 -3.60 -5.54
C ASN B 32 20.80 -2.45 -4.76
N ILE B 33 21.23 -1.24 -5.08
CA ILE B 33 20.64 -0.03 -4.53
C ILE B 33 19.40 0.32 -5.36
N TYR B 34 18.25 0.46 -4.69
CA TYR B 34 16.97 0.79 -5.31
C TYR B 34 16.51 2.17 -4.87
N ARG B 35 16.24 3.05 -5.83
CA ARG B 35 15.62 4.32 -5.51
C ARG B 35 14.23 4.08 -4.90
N PRO B 36 13.72 5.05 -4.14
CA PRO B 36 12.35 4.95 -3.62
C PRO B 36 11.38 4.69 -4.77
N ARG B 37 10.54 3.67 -4.60
CA ARG B 37 9.49 3.28 -5.54
C ARG B 37 9.97 2.49 -6.75
N ASP B 38 11.24 2.10 -6.79
CA ASP B 38 11.76 1.23 -7.84
C ASP B 38 11.74 -0.23 -7.38
N ASN B 39 11.91 -1.16 -8.34
CA ASN B 39 11.94 -2.58 -8.01
C ASN B 39 12.98 -3.35 -8.83
N GLY B 40 13.23 -4.57 -8.37
CA GLY B 40 13.91 -5.57 -9.18
C GLY B 40 13.11 -6.86 -9.16
N GLN B 41 13.18 -7.60 -10.26
CA GLN B 41 12.39 -8.82 -10.42
C GLN B 41 13.22 -9.89 -11.11
N ARG B 42 12.85 -11.15 -10.87
CA ARG B 42 13.32 -12.26 -11.68
C ARG B 42 12.16 -13.19 -11.98
N CYS B 43 12.21 -13.81 -13.15
CA CYS B 43 11.27 -14.83 -13.57
C CYS B 43 12.02 -16.13 -13.80
N TYR B 44 11.54 -17.21 -13.18
CA TYR B 44 12.17 -18.52 -13.26
C TYR B 44 11.17 -19.53 -13.80
N VAL B 45 11.58 -20.31 -14.81
CA VAL B 45 10.73 -21.37 -15.36
C VAL B 45 10.79 -22.60 -14.46
N VAL B 46 9.63 -23.21 -14.21
CA VAL B 46 9.60 -24.50 -13.53
C VAL B 46 8.27 -25.19 -13.86
N ASN B 47 8.34 -26.50 -14.14
CA ASN B 47 7.16 -27.36 -14.31
C ASN B 47 6.15 -26.82 -15.33
N GLY B 48 6.65 -26.20 -16.39
CA GLY B 48 5.76 -25.62 -17.39
C GLY B 48 5.02 -24.38 -16.97
N HIS B 49 5.25 -23.88 -15.75
CA HIS B 49 4.78 -22.56 -15.34
C HIS B 49 5.99 -21.70 -14.99
N LYS B 50 5.78 -20.62 -14.24
CA LYS B 50 6.89 -19.78 -13.86
C LYS B 50 6.73 -19.32 -12.42
N CYS B 51 7.78 -18.70 -11.92
CA CYS B 51 7.86 -18.14 -10.58
C CYS B 51 8.36 -16.70 -10.71
N ASP B 52 7.52 -15.75 -10.32
CA ASP B 52 7.86 -14.34 -10.41
C ASP B 52 8.23 -13.81 -9.02
N PHE B 53 9.45 -13.30 -8.90
CA PHE B 53 9.97 -12.76 -7.64
C PHE B 53 10.13 -11.25 -7.75
N THR B 54 9.84 -10.54 -6.66
CA THR B 54 9.99 -9.09 -6.63
C THR B 54 10.64 -8.62 -5.33
N VAL B 55 11.51 -7.61 -5.45
CA VAL B 55 11.97 -6.79 -4.34
C VAL B 55 11.62 -5.34 -4.69
N PHE B 56 10.89 -4.66 -3.81
CA PHE B 56 10.30 -3.35 -4.12
C PHE B 56 10.55 -2.40 -2.97
N ASN B 57 11.14 -1.24 -3.26
CA ASN B 57 11.37 -0.20 -2.25
C ASN B 57 10.08 0.60 -2.08
N THR B 58 9.36 0.36 -0.98
CA THR B 58 8.10 1.04 -0.76
C THR B 58 8.25 2.50 -0.36
N ASN B 59 9.45 2.93 0.03
CA ASN B 59 9.64 4.33 0.39
C ASN B 59 9.24 5.25 -0.77
N ASN B 60 8.62 6.38 -0.43
CA ASN B 60 8.32 7.40 -1.44
C ASN B 60 9.48 8.35 -1.66
N GLY B 61 10.35 8.50 -0.67
CA GLY B 61 11.49 9.38 -0.77
C GLY B 61 12.67 8.79 -0.04
N GLY B 62 13.59 9.65 0.37
CA GLY B 62 14.77 9.19 1.08
C GLY B 62 15.83 8.67 0.13
N SER B 63 17.00 8.46 0.69
CA SER B 63 18.13 8.01 -0.10
C SER B 63 17.82 6.64 -0.70
N PRO B 64 18.27 6.38 -1.93
CA PRO B 64 18.21 5.01 -2.46
C PRO B 64 18.98 4.06 -1.56
N ILE B 65 18.47 2.84 -1.43
CA ILE B 65 18.98 1.88 -0.45
C ILE B 65 18.96 0.48 -1.04
N ARG B 66 19.88 -0.37 -0.55
CA ARG B 66 19.80 -1.79 -0.84
C ARG B 66 18.87 -2.48 0.15
N ALA B 67 18.54 -3.73 -0.15
CA ALA B 67 17.66 -4.52 0.70
C ALA B 67 18.45 -5.53 1.52
N SER B 68 17.81 -6.06 2.56
CA SER B 68 18.43 -7.06 3.43
C SER B 68 18.35 -8.45 2.80
N THR B 69 19.51 -9.10 2.64
CA THR B 69 19.50 -10.47 2.12
C THR B 69 18.82 -11.45 3.07
N PRO B 70 19.18 -11.52 4.36
CA PRO B 70 18.47 -12.45 5.25
C PRO B 70 17.00 -12.13 5.39
N ASN B 71 16.60 -10.85 5.39
CA ASN B 71 15.18 -10.55 5.53
C ASN B 71 14.39 -11.01 4.31
N CYS B 72 14.96 -10.82 3.12
CA CYS B 72 14.36 -11.35 1.91
C CYS B 72 14.08 -12.85 2.05
N LYS B 73 15.08 -13.60 2.52
CA LYS B 73 14.92 -15.04 2.68
C LYS B 73 13.88 -15.37 3.75
N THR B 74 13.92 -14.67 4.89
CA THR B 74 12.96 -14.93 5.96
C THR B 74 11.53 -14.71 5.48
N VAL B 75 11.29 -13.60 4.78
CA VAL B 75 9.95 -13.29 4.31
C VAL B 75 9.49 -14.29 3.25
N LEU B 76 10.34 -14.55 2.25
CA LEU B 76 9.90 -15.43 1.18
C LEU B 76 9.76 -16.88 1.65
N ARG B 77 10.60 -17.33 2.58
CA ARG B 77 10.38 -18.67 3.14
C ARG B 77 9.07 -18.74 3.91
N ALA B 78 8.72 -17.66 4.63
CA ALA B 78 7.43 -17.65 5.32
C ALA B 78 6.28 -17.70 4.33
N ALA B 79 6.38 -16.96 3.23
CA ALA B 79 5.34 -17.04 2.20
C ALA B 79 5.24 -18.46 1.64
N ALA B 80 6.38 -19.08 1.32
CA ALA B 80 6.35 -20.43 0.78
C ALA B 80 5.79 -21.43 1.78
N ASN B 81 6.02 -21.22 3.08
CA ASN B 81 5.52 -22.15 4.08
C ASN B 81 4.05 -21.92 4.42
N ARG B 82 3.57 -20.68 4.35
CA ARG B 82 2.23 -20.36 4.83
C ARG B 82 1.20 -20.18 3.71
N CYS B 83 1.64 -19.99 2.47
CA CYS B 83 0.75 -19.54 1.39
C CYS B 83 0.87 -20.50 0.22
N PRO B 84 -0.05 -21.45 0.06
CA PRO B 84 0.08 -22.42 -1.05
C PRO B 84 0.20 -21.78 -2.42
N THR B 85 -0.39 -20.61 -2.65
CA THR B 85 -0.30 -19.94 -3.95
C THR B 85 0.68 -18.77 -3.94
N GLY B 86 1.60 -18.74 -2.97
CA GLY B 86 2.57 -17.67 -2.87
C GLY B 86 2.02 -16.45 -2.18
N GLY B 87 2.85 -15.44 -2.06
CA GLY B 87 2.44 -14.24 -1.38
C GLY B 87 3.57 -13.22 -1.28
N ARG B 88 3.35 -12.25 -0.41
CA ARG B 88 4.22 -11.08 -0.31
C ARG B 88 4.30 -10.63 1.13
N GLY B 89 5.36 -9.91 1.47
CA GLY B 89 5.42 -9.36 2.81
C GLY B 89 6.65 -8.53 3.05
N LYS B 90 6.75 -8.04 4.28
CA LYS B 90 7.90 -7.31 4.77
C LYS B 90 8.35 -7.93 6.08
N ILE B 91 9.57 -7.61 6.49
CA ILE B 91 10.06 -8.21 7.73
C ILE B 91 9.33 -7.65 8.94
N ASN B 92 8.94 -6.38 8.90
CA ASN B 92 8.10 -5.74 9.92
C ASN B 92 7.37 -4.59 9.24
N PRO B 93 6.32 -4.05 9.88
CA PRO B 93 5.46 -3.10 9.15
C PRO B 93 6.15 -1.82 8.71
N SER B 94 7.28 -1.45 9.32
CA SER B 94 7.96 -0.22 9.00
C SER B 94 9.13 -0.41 8.03
N ALA B 95 9.47 -1.65 7.69
CA ALA B 95 10.62 -1.88 6.86
C ALA B 95 10.38 -1.37 5.44
N PRO B 96 11.42 -0.88 4.77
CA PRO B 96 11.21 -0.29 3.45
C PRO B 96 10.87 -1.29 2.36
N PHE B 97 11.44 -2.50 2.40
CA PHE B 97 11.31 -3.42 1.27
C PHE B 97 10.18 -4.42 1.44
N LEU B 98 9.46 -4.61 0.34
CA LEU B 98 8.45 -5.65 0.16
C LEU B 98 9.05 -6.70 -0.77
N PHE B 99 8.88 -7.97 -0.40
CA PHE B 99 9.34 -9.10 -1.20
C PHE B 99 8.14 -9.96 -1.57
N ALA B 100 8.17 -10.55 -2.76
CA ALA B 100 7.05 -11.35 -3.24
C ALA B 100 7.55 -12.56 -4.01
N ILE B 101 6.76 -13.64 -3.92
CA ILE B 101 7.02 -14.90 -4.62
C ILE B 101 5.69 -15.38 -5.20
N ASP B 102 5.61 -15.45 -6.53
CA ASP B 102 4.34 -15.60 -7.23
C ASP B 102 4.37 -16.75 -8.24
N PRO B 103 3.82 -17.90 -7.88
CA PRO B 103 3.77 -19.05 -8.80
C PRO B 103 2.58 -18.98 -9.75
N ASN B 104 2.82 -18.87 -11.05
CA ASN B 104 1.69 -18.66 -11.95
C ASN B 104 2.04 -19.15 -13.35
N ASP B 105 0.99 -19.34 -14.15
CA ASP B 105 1.14 -19.91 -15.47
C ASP B 105 1.79 -18.94 -16.46
N GLY B 106 2.41 -19.51 -17.50
CA GLY B 106 3.03 -18.76 -18.56
C GLY B 106 4.50 -19.11 -18.72
N ASP B 107 5.26 -18.17 -19.25
CA ASP B 107 6.70 -18.32 -19.41
C ASP B 107 7.36 -16.98 -19.11
N CYS B 108 8.69 -16.94 -19.23
CA CYS B 108 9.47 -15.75 -18.88
C CYS B 108 9.84 -14.91 -20.10
N SER B 109 9.10 -15.08 -21.21
CA SER B 109 9.39 -14.40 -22.46
C SER B 109 8.36 -13.33 -22.80
N THR B 110 7.36 -13.13 -21.96
CA THR B 110 6.19 -12.32 -22.30
C THR B 110 6.41 -10.85 -21.95
N ASP B 111 5.82 -9.96 -22.76
CA ASP B 111 5.69 -8.54 -22.43
C ASP B 111 7.02 -7.77 -22.51
N PHE B 112 7.97 -8.25 -23.30
CA PHE B 112 9.16 -7.44 -23.63
C PHE B 112 9.66 -7.82 -25.01
N PCA C 1 -3.26 8.87 -7.51
CA PCA C 1 -4.62 9.36 -7.44
CB PCA C 1 -4.62 10.88 -7.44
CG PCA C 1 -3.21 11.31 -7.80
CD PCA C 1 -2.43 10.03 -7.73
OE PCA C 1 -1.20 9.96 -7.83
C PCA C 1 -5.39 8.78 -8.63
O PCA C 1 -5.66 9.47 -9.61
N ASP C 2 -5.74 7.50 -8.54
CA ASP C 2 -6.47 6.78 -9.57
C ASP C 2 -6.89 5.46 -8.97
N PRO C 3 -8.19 5.26 -8.75
CA PRO C 3 -9.28 6.18 -9.03
C PRO C 3 -9.23 7.42 -8.14
N LEU C 4 -9.74 8.54 -8.65
CA LEU C 4 -9.99 9.73 -7.86
C LEU C 4 -11.40 10.17 -8.23
N SER C 5 -12.31 10.10 -7.26
CA SER C 5 -13.73 10.28 -7.50
C SER C 5 -14.21 11.46 -6.66
N CYS C 6 -14.73 12.49 -7.32
CA CYS C 6 -15.20 13.67 -6.62
C CYS C 6 -16.62 13.45 -6.10
N TYR C 7 -16.90 14.05 -4.94
CA TYR C 7 -18.26 14.06 -4.44
C TYR C 7 -19.12 14.98 -5.30
N ASP C 8 -20.43 14.91 -5.10
CA ASP C 8 -21.35 15.62 -5.98
C ASP C 8 -21.10 17.13 -5.94
N ASN C 9 -21.17 17.74 -7.13
CA ASN C 9 -20.90 19.17 -7.27
C ASN C 9 -21.92 20.05 -6.58
N PHE C 10 -23.12 19.52 -6.31
CA PHE C 10 -24.17 20.32 -5.68
C PHE C 10 -23.99 20.47 -4.17
N GLY C 11 -22.98 19.85 -3.57
CA GLY C 11 -22.77 20.01 -2.15
C GLY C 11 -22.50 21.47 -1.79
N ASN C 12 -22.92 21.86 -0.58
CA ASN C 12 -22.81 23.26 -0.14
C ASN C 12 -21.44 23.64 0.38
N ARG C 13 -20.60 22.68 0.74
CA ARG C 13 -19.33 22.96 1.41
C ARG C 13 -18.16 22.68 0.48
N ASP C 14 -17.18 23.57 0.51
CA ASP C 14 -16.00 23.43 -0.32
C ASP C 14 -14.86 22.82 0.48
N VAL C 15 -14.09 21.96 -0.19
CA VAL C 15 -13.03 21.24 0.52
C VAL C 15 -11.79 22.09 0.77
N ALA C 16 -11.71 23.30 0.18
CA ALA C 16 -10.50 24.11 0.31
C ALA C 16 -10.09 24.32 1.77
N ALA C 17 -11.05 24.60 2.67
CA ALA C 17 -10.68 24.87 4.05
C ALA C 17 -10.25 23.61 4.79
N CYS C 18 -10.57 22.43 4.25
CA CYS C 18 -10.18 21.18 4.89
C CYS C 18 -8.74 20.80 4.58
N ALA C 19 -8.13 21.39 3.56
CA ALA C 19 -6.79 20.98 3.14
C ALA C 19 -5.77 21.15 4.24
N ARG C 20 -5.97 22.14 5.13
CA ARG C 20 -5.02 22.39 6.21
C ARG C 20 -4.89 21.22 7.18
N PHE C 21 -5.85 20.27 7.17
CA PHE C 21 -5.82 19.12 8.08
C PHE C 21 -5.27 17.86 7.46
N ILE C 22 -4.93 17.90 6.16
CA ILE C 22 -4.43 16.72 5.47
C ILE C 22 -3.20 16.15 6.17
N ASP C 23 -2.22 17.00 6.48
CA ASP C 23 -0.98 16.51 7.09
C ASP C 23 -1.25 15.85 8.44
N ASP C 24 -2.00 16.54 9.30
CA ASP C 24 -2.30 15.98 10.62
C ASP C 24 -3.03 14.66 10.50
N PHE C 25 -4.05 14.60 9.63
CA PHE C 25 -4.80 13.37 9.47
C PHE C 25 -3.90 12.23 8.99
N CYS C 26 -3.18 12.45 7.90
CA CYS C 26 -2.35 11.38 7.35
C CYS C 26 -1.26 10.98 8.34
N ASP C 27 -0.57 11.96 8.94
CA ASP C 27 0.50 11.64 9.89
C ASP C 27 0.00 10.81 11.06
N THR C 28 -1.19 11.13 11.58
CA THR C 28 -1.65 10.45 12.79
C THR C 28 -2.34 9.12 12.54
N LEU C 29 -3.10 8.98 11.44
CA LEU C 29 -3.91 7.77 11.25
C LEU C 29 -3.28 6.72 10.33
N THR C 30 -2.38 7.11 9.42
CA THR C 30 -1.82 6.08 8.54
C THR C 30 -0.89 5.07 9.23
N PRO C 31 -0.18 5.40 10.33
CA PRO C 31 0.67 4.37 10.94
C PRO C 31 -0.08 3.23 11.62
N ASN C 32 -1.38 3.36 11.85
CA ASN C 32 -2.13 2.32 12.54
C ASN C 32 -2.29 1.12 11.62
N ILE C 33 -2.26 -0.07 12.22
CA ILE C 33 -2.55 -1.31 11.50
C ILE C 33 -4.06 -1.47 11.41
N TYR C 34 -4.56 -1.60 10.17
CA TYR C 34 -5.99 -1.78 9.88
C TYR C 34 -6.25 -3.18 9.32
N ARG C 35 -7.19 -3.88 9.95
CA ARG C 35 -7.66 -5.15 9.42
C ARG C 35 -8.36 -4.92 8.08
N PRO C 36 -8.41 -5.94 7.22
CA PRO C 36 -9.16 -5.81 5.96
C PRO C 36 -10.59 -5.37 6.22
N ARG C 37 -11.01 -4.31 5.51
CA ARG C 37 -12.34 -3.73 5.57
C ARG C 37 -12.60 -2.88 6.81
N ASP C 38 -11.58 -2.56 7.61
CA ASP C 38 -11.71 -1.62 8.72
C ASP C 38 -11.30 -0.22 8.28
N ASN C 39 -11.66 0.79 9.09
CA ASN C 39 -11.29 2.16 8.77
C ASN C 39 -10.83 2.94 10.00
N GLY C 40 -10.20 4.07 9.74
CA GLY C 40 -9.98 5.11 10.73
C GLY C 40 -10.47 6.43 10.18
N GLN C 41 -10.95 7.29 11.08
CA GLN C 41 -11.51 8.58 10.67
C GLN C 41 -11.11 9.66 11.66
N ARG C 42 -11.09 10.90 11.17
CA ARG C 42 -11.04 12.06 12.05
C ARG C 42 -12.04 13.10 11.57
N CYS C 43 -12.58 13.85 12.51
CA CYS C 43 -13.48 14.95 12.24
C CYS C 43 -12.84 16.23 12.76
N TYR C 44 -12.77 17.24 11.91
CA TYR C 44 -12.19 18.53 12.28
C TYR C 44 -13.23 19.62 12.06
N VAL C 45 -13.43 20.46 13.06
CA VAL C 45 -14.29 21.62 12.90
C VAL C 45 -13.54 22.69 12.12
N VAL C 46 -14.21 23.31 11.16
CA VAL C 46 -13.64 24.47 10.49
C VAL C 46 -14.78 25.32 9.94
N ASN C 47 -14.66 26.63 10.13
CA ASN C 47 -15.55 27.62 9.51
C ASN C 47 -17.03 27.29 9.68
N GLY C 48 -17.41 26.83 10.87
CA GLY C 48 -18.80 26.54 11.14
C GLY C 48 -19.33 25.26 10.53
N HIS C 49 -18.48 24.45 9.91
CA HIS C 49 -18.88 23.15 9.40
C HIS C 49 -17.82 22.15 9.86
N LYS C 50 -17.71 21.02 9.15
CA LYS C 50 -16.69 20.05 9.51
C LYS C 50 -16.02 19.49 8.27
N CYS C 51 -14.91 18.82 8.53
CA CYS C 51 -14.13 18.10 7.55
C CYS C 51 -13.97 16.68 8.06
N ASP C 52 -14.45 15.71 7.29
CA ASP C 52 -14.43 14.30 7.65
C ASP C 52 -13.40 13.59 6.79
N PHE C 53 -12.40 12.98 7.43
CA PHE C 53 -11.33 12.28 6.75
C PHE C 53 -11.44 10.80 7.03
N THR C 54 -11.11 9.98 6.04
CA THR C 54 -11.19 8.53 6.19
C THR C 54 -9.97 7.87 5.56
N VAL C 55 -9.45 6.85 6.24
CA VAL C 55 -8.51 5.89 5.68
C VAL C 55 -9.15 4.51 5.80
N PHE C 56 -9.25 3.79 4.69
CA PHE C 56 -10.07 2.58 4.62
C PHE C 56 -9.26 1.48 3.94
N ASN C 57 -9.08 0.35 4.63
CA ASN C 57 -8.41 -0.80 4.04
C ASN C 57 -9.42 -1.56 3.18
N THR C 58 -9.34 -1.38 1.86
CA THR C 58 -10.30 -2.02 0.95
C THR C 58 -10.06 -3.51 0.77
N ASN C 59 -8.91 -4.05 1.17
CA ASN C 59 -8.68 -5.49 1.04
C ASN C 59 -9.77 -6.30 1.73
N ASN C 60 -10.15 -7.42 1.11
CA ASN C 60 -11.06 -8.37 1.76
C ASN C 60 -10.34 -9.36 2.65
N GLY C 61 -9.06 -9.57 2.45
CA GLY C 61 -8.29 -10.51 3.25
C GLY C 61 -6.89 -10.00 3.38
N GLY C 62 -5.95 -10.93 3.56
CA GLY C 62 -4.56 -10.55 3.76
C GLY C 62 -4.30 -10.08 5.18
N SER C 63 -3.04 -9.78 5.43
CA SER C 63 -2.65 -9.32 6.75
C SER C 63 -3.27 -7.95 7.04
N PRO C 64 -3.66 -7.68 8.28
CA PRO C 64 -3.85 -6.29 8.69
C PRO C 64 -2.58 -5.52 8.39
N ILE C 65 -2.74 -4.29 7.88
CA ILE C 65 -1.61 -3.50 7.38
C ILE C 65 -1.80 -2.03 7.74
N ARG C 66 -0.68 -1.32 7.88
CA ARG C 66 -0.75 0.13 7.95
C ARG C 66 -0.73 0.73 6.55
N ALA C 67 -1.06 2.01 6.48
CA ALA C 67 -1.14 2.72 5.20
C ALA C 67 0.10 3.57 4.95
N SER C 68 0.27 3.98 3.69
CA SER C 68 1.34 4.87 3.29
C SER C 68 1.01 6.31 3.65
N THR C 69 1.88 6.92 4.46
CA THR C 69 1.70 8.33 4.79
C THR C 69 1.85 9.22 3.55
N PRO C 70 2.89 9.08 2.72
CA PRO C 70 2.95 9.92 1.52
C PRO C 70 1.79 9.71 0.57
N ASN C 71 1.32 8.47 0.39
CA ASN C 71 0.22 8.25 -0.54
C ASN C 71 -1.07 8.89 -0.05
N CYS C 72 -1.31 8.84 1.27
CA CYS C 72 -2.45 9.54 1.85
C CYS C 72 -2.42 11.01 1.45
N LYS C 73 -1.25 11.65 1.59
CA LYS C 73 -1.15 13.07 1.27
C LYS C 73 -1.32 13.32 -0.23
N THR C 74 -0.71 12.47 -1.07
CA THR C 74 -0.84 12.65 -2.51
C THR C 74 -2.29 12.56 -2.96
N VAL C 75 -3.02 11.56 -2.46
CA VAL C 75 -4.40 11.36 -2.85
C VAL C 75 -5.28 12.51 -2.36
N LEU C 76 -5.13 12.88 -1.08
CA LEU C 76 -6.02 13.91 -0.54
C LEU C 76 -5.71 15.29 -1.11
N ARG C 77 -4.44 15.58 -1.40
CA ARG C 77 -4.13 16.84 -2.06
C ARG C 77 -4.69 16.87 -3.48
N ALA C 78 -4.63 15.73 -4.17
CA ALA C 78 -5.24 15.68 -5.49
C ALA C 78 -6.75 15.90 -5.41
N ALA C 79 -7.41 15.29 -4.42
CA ALA C 79 -8.85 15.52 -4.25
C ALA C 79 -9.12 17.00 -3.97
N ALA C 80 -8.32 17.62 -3.09
CA ALA C 80 -8.53 19.04 -2.81
C ALA C 80 -8.31 19.91 -4.04
N ASN C 81 -7.40 19.51 -4.92
CA ASN C 81 -7.11 20.33 -6.10
C ASN C 81 -8.14 20.11 -7.21
N ARG C 82 -8.68 18.90 -7.34
CA ARG C 82 -9.49 18.54 -8.50
C ARG C 82 -10.98 18.45 -8.21
N CYS C 83 -11.40 18.42 -6.94
CA CYS C 83 -12.79 18.16 -6.56
C CYS C 83 -13.25 19.26 -5.61
N PRO C 84 -13.97 20.27 -6.10
CA PRO C 84 -14.35 21.40 -5.23
C PRO C 84 -15.10 21.00 -3.97
N THR C 85 -15.89 19.93 -4.00
CA THR C 85 -16.64 19.49 -2.84
C THR C 85 -16.02 18.27 -2.18
N GLY C 86 -14.73 18.01 -2.44
CA GLY C 86 -14.02 16.90 -1.84
C GLY C 86 -14.13 15.63 -2.67
N GLY C 87 -13.41 14.61 -2.24
CA GLY C 87 -13.43 13.35 -2.96
C GLY C 87 -12.60 12.30 -2.24
N ARG C 88 -12.39 11.19 -2.96
CA ARG C 88 -11.78 10.00 -2.38
C ARG C 88 -11.07 9.25 -3.48
N GLY C 89 -10.05 8.48 -3.10
CA GLY C 89 -9.39 7.66 -4.10
C GLY C 89 -8.24 6.88 -3.52
N LYS C 90 -7.46 6.28 -4.43
CA LYS C 90 -6.33 5.44 -4.08
C LYS C 90 -5.13 5.94 -4.88
N ILE C 91 -3.93 5.56 -4.45
CA ILE C 91 -2.74 6.01 -5.18
C ILE C 91 -2.72 5.43 -6.60
N ASN C 92 -3.10 4.17 -6.74
CA ASN C 92 -3.29 3.53 -8.03
C ASN C 92 -4.38 2.47 -7.83
N PRO C 93 -4.91 1.90 -8.91
CA PRO C 93 -6.13 1.07 -8.75
C PRO C 93 -5.93 -0.20 -7.97
N SER C 94 -4.71 -0.70 -7.83
CA SER C 94 -4.50 -1.95 -7.11
C SER C 94 -4.08 -1.74 -5.65
N ALA C 95 -3.89 -0.48 -5.22
CA ALA C 95 -3.45 -0.24 -3.86
C ALA C 95 -4.55 -0.59 -2.86
N PRO C 96 -4.18 -1.05 -1.65
CA PRO C 96 -5.22 -1.46 -0.69
C PRO C 96 -5.98 -0.29 -0.06
N PHE C 97 -5.34 0.83 0.22
CA PHE C 97 -6.02 1.88 0.97
C PHE C 97 -6.72 2.90 0.09
N LEU C 98 -7.93 3.27 0.53
CA LEU C 98 -8.65 4.41 0.01
C LEU C 98 -8.64 5.52 1.05
N PHE C 99 -8.44 6.75 0.58
CA PHE C 99 -8.42 7.93 1.43
C PHE C 99 -9.50 8.89 0.97
N ALA C 100 -10.19 9.52 1.91
CA ALA C 100 -11.25 10.47 1.59
C ALA C 100 -11.11 11.75 2.40
N ILE C 101 -11.45 12.86 1.75
CA ILE C 101 -11.51 14.18 2.39
C ILE C 101 -12.87 14.79 2.04
N ASP C 102 -13.71 14.98 3.04
CA ASP C 102 -15.13 15.25 2.81
C ASP C 102 -15.61 16.44 3.63
N PRO C 103 -15.82 17.60 3.02
CA PRO C 103 -16.41 18.73 3.75
C PRO C 103 -17.91 18.49 3.93
N ASN C 104 -18.39 18.68 5.14
CA ASN C 104 -19.79 18.37 5.44
C ASN C 104 -20.39 19.41 6.38
N ASP C 105 -21.71 19.54 6.30
CA ASP C 105 -22.45 20.29 7.31
C ASP C 105 -22.35 19.60 8.66
N GLY C 106 -22.53 20.38 9.72
CA GLY C 106 -22.62 19.83 11.07
C GLY C 106 -21.34 19.98 11.86
N ASP C 107 -21.21 19.12 12.87
CA ASP C 107 -20.06 19.19 13.75
C ASP C 107 -19.62 17.78 14.14
N CYS C 108 -18.62 17.70 14.99
CA CYS C 108 -17.97 16.45 15.35
C CYS C 108 -18.53 15.84 16.63
N SER C 109 -19.70 16.31 17.07
CA SER C 109 -20.28 15.88 18.35
C SER C 109 -21.44 14.93 18.19
N THR C 110 -21.82 14.58 16.97
CA THR C 110 -23.08 13.90 16.69
C THR C 110 -22.87 12.42 16.35
N ASP C 111 -23.94 11.65 16.56
CA ASP C 111 -24.02 10.26 16.14
C ASP C 111 -23.12 9.33 16.95
N PHE C 112 -22.83 9.73 18.19
CA PHE C 112 -22.25 8.85 19.20
C PHE C 112 -22.70 9.33 20.57
N PCA D 1 -15.64 6.64 35.04
CA PCA D 1 -16.85 6.51 34.25
CB PCA D 1 -17.22 5.03 34.07
CG PCA D 1 -16.36 4.26 35.05
CD PCA D 1 -15.38 5.29 35.52
OE PCA D 1 -14.42 4.99 36.25
C PCA D 1 -17.96 7.27 34.97
O PCA D 1 -18.76 6.67 35.70
N ASP D 2 -17.97 8.59 34.78
CA ASP D 2 -19.06 9.44 35.24
C ASP D 2 -18.97 10.77 34.50
N PRO D 3 -19.90 11.06 33.59
CA PRO D 3 -21.06 10.25 33.25
C PRO D 3 -20.67 8.98 32.49
N LEU D 4 -21.53 7.97 32.60
CA LEU D 4 -21.44 6.77 31.79
C LEU D 4 -22.86 6.44 31.37
N SER D 5 -23.16 6.60 30.08
CA SER D 5 -24.51 6.55 29.56
C SER D 5 -24.61 5.41 28.56
N CYS D 6 -25.49 4.45 28.84
CA CYS D 6 -25.72 3.37 27.91
C CYS D 6 -26.57 3.88 26.77
N TYR D 7 -26.29 3.39 25.57
CA TYR D 7 -27.23 3.63 24.49
C TYR D 7 -28.54 2.93 24.84
N ASP D 8 -29.64 3.43 24.29
CA ASP D 8 -30.94 2.89 24.66
C ASP D 8 -31.04 1.41 24.29
N ASN D 9 -32.08 0.76 24.79
CA ASN D 9 -32.32 -0.64 24.47
C ASN D 9 -32.99 -0.83 23.12
N PHE D 10 -32.92 0.18 22.24
CA PHE D 10 -33.54 0.06 20.92
C PHE D 10 -32.62 -0.64 19.92
N GLY D 11 -31.32 -0.72 20.23
CA GLY D 11 -30.41 -1.39 19.34
C GLY D 11 -30.52 -2.91 19.41
N ASN D 12 -30.08 -3.56 18.34
CA ASN D 12 -30.08 -5.02 18.30
C ASN D 12 -28.67 -5.60 18.18
N ARG D 13 -27.63 -4.85 18.51
CA ARG D 13 -26.24 -5.33 18.42
C ARG D 13 -25.55 -5.30 19.78
N ASP D 14 -24.94 -6.42 20.15
CA ASP D 14 -24.35 -6.61 21.47
C ASP D 14 -22.93 -6.07 21.48
N VAL D 15 -22.61 -5.26 22.50
CA VAL D 15 -21.29 -4.67 22.65
C VAL D 15 -20.20 -5.71 22.86
N ALA D 16 -20.56 -6.93 23.26
CA ALA D 16 -19.55 -7.90 23.67
C ALA D 16 -18.54 -8.18 22.56
N ALA D 17 -19.00 -8.25 21.31
CA ALA D 17 -18.08 -8.52 20.21
C ALA D 17 -17.10 -7.39 19.99
N CYS D 18 -17.42 -6.18 20.46
CA CYS D 18 -16.55 -5.03 20.26
C CYS D 18 -15.48 -4.88 21.33
N ALA D 19 -15.59 -5.58 22.46
CA ALA D 19 -14.63 -5.38 23.54
C ALA D 19 -13.21 -5.74 23.12
N ARG D 20 -13.06 -6.66 22.15
CA ARG D 20 -11.73 -7.07 21.73
C ARG D 20 -10.94 -5.94 21.08
N PHE D 21 -11.61 -4.86 20.67
CA PHE D 21 -10.94 -3.76 19.99
C PHE D 21 -10.65 -2.57 20.91
N ILE D 22 -11.05 -2.66 22.19
CA ILE D 22 -10.88 -1.53 23.10
C ILE D 22 -9.43 -1.13 23.22
N ASP D 23 -8.54 -2.10 23.49
CA ASP D 23 -7.13 -1.72 23.68
C ASP D 23 -6.55 -1.13 22.40
N ASP D 24 -6.84 -1.76 21.26
CA ASP D 24 -6.31 -1.28 19.99
C ASP D 24 -6.78 0.15 19.71
N PHE D 25 -8.07 0.42 19.92
CA PHE D 25 -8.58 1.76 19.67
C PHE D 25 -7.93 2.78 20.59
N CYS D 26 -7.94 2.49 21.89
CA CYS D 26 -7.38 3.44 22.85
C CYS D 26 -5.89 3.65 22.61
N ASP D 27 -5.15 2.55 22.41
CA ASP D 27 -3.70 2.67 22.21
C ASP D 27 -3.38 3.51 20.96
N THR D 28 -4.17 3.37 19.89
CA THR D 28 -3.82 4.03 18.63
C THR D 28 -4.35 5.46 18.52
N LEU D 29 -5.54 5.75 19.05
CA LEU D 29 -6.12 7.07 18.84
C LEU D 29 -5.92 8.07 19.97
N THR D 30 -5.73 7.61 21.21
CA THR D 30 -5.57 8.58 22.31
C THR D 30 -4.29 9.40 22.27
N PRO D 31 -3.16 8.91 21.72
CA PRO D 31 -1.95 9.76 21.69
C PRO D 31 -2.07 10.99 20.82
N ASN D 32 -3.07 11.07 19.94
CA ASN D 32 -3.16 12.21 19.05
C ASN D 32 -3.63 13.47 19.78
N ILE D 33 -3.14 14.61 19.31
CA ILE D 33 -3.63 15.91 19.75
C ILE D 33 -4.96 16.21 19.05
N TYR D 34 -5.99 16.52 19.84
CA TYR D 34 -7.32 16.88 19.34
C TYR D 34 -7.63 18.33 19.73
N ARG D 35 -7.98 19.13 18.74
CA ARG D 35 -8.46 20.48 18.98
C ARG D 35 -9.79 20.41 19.71
N PRO D 36 -10.17 21.50 20.40
CA PRO D 36 -11.47 21.53 21.07
C PRO D 36 -12.59 21.25 20.08
N ARG D 37 -13.46 20.30 20.43
CA ARG D 37 -14.64 19.91 19.65
C ARG D 37 -14.31 19.07 18.41
N ASP D 38 -13.08 18.59 18.26
CA ASP D 38 -12.73 17.63 17.23
C ASP D 38 -12.80 16.20 17.78
N ASN D 39 -12.76 15.21 16.86
CA ASN D 39 -12.80 13.81 17.28
C ASN D 39 -11.90 12.94 16.43
N GLY D 40 -11.66 11.74 16.95
CA GLY D 40 -11.11 10.66 16.16
C GLY D 40 -11.99 9.44 16.33
N GLN D 41 -12.04 8.60 15.27
CA GLN D 41 -12.90 7.44 15.25
C GLN D 41 -12.21 6.26 14.59
N ARG D 42 -12.61 5.06 14.98
CA ARG D 42 -12.29 3.87 14.20
C ARG D 42 -13.52 3.00 14.06
N CYS D 43 -13.60 2.30 12.93
CA CYS D 43 -14.66 1.34 12.66
C CYS D 43 -14.02 -0.03 12.44
N TYR D 44 -14.54 -1.03 13.15
CA TYR D 44 -14.06 -2.40 13.05
C TYR D 44 -15.21 -3.30 12.63
N VAL D 45 -14.96 -4.14 11.64
CA VAL D 45 -15.93 -5.15 11.22
C VAL D 45 -15.78 -6.36 12.13
N VAL D 46 -16.89 -6.88 12.63
CA VAL D 46 -16.84 -8.12 13.41
C VAL D 46 -18.24 -8.70 13.44
N ASN D 47 -18.33 -10.04 13.41
CA ASN D 47 -19.58 -10.72 13.77
C ASN D 47 -20.75 -10.28 12.88
N GLY D 48 -20.46 -9.96 11.62
CA GLY D 48 -21.48 -9.53 10.69
C GLY D 48 -21.96 -8.11 10.84
N HIS D 49 -21.31 -7.31 11.69
CA HIS D 49 -21.73 -5.94 11.95
C HIS D 49 -20.47 -5.10 12.12
N LYS D 50 -20.60 -3.96 12.79
CA LYS D 50 -19.45 -3.10 13.02
C LYS D 50 -19.43 -2.59 14.46
N CYS D 51 -18.26 -2.12 14.86
CA CYS D 51 -18.02 -1.47 16.14
C CYS D 51 -17.45 -0.08 15.86
N ASP D 52 -18.18 0.95 16.26
CA ASP D 52 -17.79 2.34 16.04
C ASP D 52 -17.26 2.93 17.34
N PHE D 53 -15.99 3.33 17.34
CA PHE D 53 -15.34 3.90 18.50
C PHE D 53 -15.09 5.39 18.27
N THR D 54 -15.23 6.18 19.34
CA THR D 54 -15.01 7.62 19.26
C THR D 54 -14.22 8.13 20.46
N VAL D 55 -13.28 9.03 20.19
CA VAL D 55 -12.66 9.89 21.22
C VAL D 55 -12.96 11.33 20.81
N PHE D 56 -13.54 12.11 21.72
CA PHE D 56 -14.08 13.42 21.39
C PHE D 56 -13.66 14.44 22.44
N ASN D 57 -13.01 15.52 22.00
CA ASN D 57 -12.61 16.59 22.92
C ASN D 57 -13.83 17.48 23.14
N THR D 58 -14.48 17.36 24.31
CA THR D 58 -15.70 18.15 24.57
C THR D 58 -15.43 19.62 24.88
N ASN D 59 -14.19 20.01 25.14
CA ASN D 59 -13.90 21.41 25.44
C ASN D 59 -14.36 22.32 24.31
N ASN D 60 -15.02 23.43 24.66
CA ASN D 60 -15.39 24.46 23.69
C ASN D 60 -14.17 25.24 23.22
N GLY D 61 -13.15 25.35 24.05
CA GLY D 61 -11.99 26.17 23.77
C GLY D 61 -10.76 25.57 24.44
N GLY D 62 -9.78 26.43 24.73
CA GLY D 62 -8.54 25.97 25.32
C GLY D 62 -7.62 25.31 24.30
N SER D 63 -6.46 24.86 24.77
CA SER D 63 -5.44 24.30 23.91
C SER D 63 -5.86 22.94 23.36
N PRO D 64 -5.46 22.60 22.14
CA PRO D 64 -5.57 21.20 21.71
C PRO D 64 -4.80 20.32 22.69
N ILE D 65 -5.31 19.11 22.92
CA ILE D 65 -4.75 18.21 23.93
C ILE D 65 -4.88 16.78 23.43
N ARG D 66 -4.00 15.90 23.91
CA ARG D 66 -4.18 14.46 23.74
C ARG D 66 -5.02 13.89 24.88
N ALA D 67 -5.52 12.68 24.67
CA ALA D 67 -6.39 12.03 25.65
C ALA D 67 -5.59 10.99 26.44
N SER D 68 -6.18 10.55 27.55
CA SER D 68 -5.55 9.55 28.40
C SER D 68 -5.83 8.13 27.88
N THR D 69 -4.76 7.38 27.58
CA THR D 69 -4.92 5.99 27.19
C THR D 69 -5.55 5.14 28.27
N PRO D 70 -5.08 5.16 29.52
CA PRO D 70 -5.76 4.34 30.54
C PRO D 70 -7.20 4.75 30.78
N ASN D 71 -7.50 6.05 30.75
CA ASN D 71 -8.89 6.48 30.97
C ASN D 71 -9.81 5.99 29.87
N CYS D 72 -9.33 6.03 28.62
CA CYS D 72 -10.09 5.49 27.51
C CYS D 72 -10.49 4.04 27.79
N LYS D 73 -9.53 3.23 28.24
CA LYS D 73 -9.80 1.82 28.52
C LYS D 73 -10.78 1.66 29.69
N THR D 74 -10.60 2.43 30.76
CA THR D 74 -11.51 2.31 31.91
C THR D 74 -12.93 2.66 31.50
N VAL D 75 -13.11 3.76 30.77
CA VAL D 75 -14.46 4.17 30.37
C VAL D 75 -15.08 3.14 29.44
N LEU D 76 -14.35 2.71 28.41
CA LEU D 76 -14.95 1.80 27.44
C LEU D 76 -15.20 0.41 28.02
N ARG D 77 -14.31 -0.06 28.91
CA ARG D 77 -14.58 -1.35 29.56
C ARG D 77 -15.80 -1.24 30.49
N ALA D 78 -15.97 -0.11 31.16
CA ALA D 78 -17.18 0.08 31.96
C ALA D 78 -18.42 0.05 31.09
N ALA D 79 -18.40 0.74 29.95
CA ALA D 79 -19.52 0.66 29.02
C ALA D 79 -19.79 -0.77 28.57
N ALA D 80 -18.73 -1.51 28.21
CA ALA D 80 -18.92 -2.89 27.77
C ALA D 80 -19.48 -3.78 28.88
N ASN D 81 -19.14 -3.48 30.13
CA ASN D 81 -19.62 -4.29 31.25
C ASN D 81 -21.03 -3.92 31.68
N ARG D 82 -21.45 -2.66 31.48
CA ARG D 82 -22.70 -2.17 32.04
C ARG D 82 -23.79 -1.95 31.01
N CYS D 83 -23.45 -1.91 29.73
CA CYS D 83 -24.36 -1.45 28.67
C CYS D 83 -24.37 -2.47 27.53
N PRO D 84 -25.37 -3.35 27.49
CA PRO D 84 -25.37 -4.41 26.46
C PRO D 84 -25.36 -3.89 25.03
N THR D 85 -25.87 -2.69 24.79
CA THR D 85 -25.86 -2.11 23.45
C THR D 85 -24.81 -1.01 23.29
N GLY D 86 -23.81 -0.99 24.16
CA GLY D 86 -22.75 0.01 24.08
C GLY D 86 -23.11 1.27 24.81
N GLY D 87 -22.14 2.19 24.84
CA GLY D 87 -22.36 3.43 25.55
C GLY D 87 -21.17 4.37 25.44
N ARG D 88 -21.25 5.46 26.22
CA ARG D 88 -20.31 6.56 26.10
C ARG D 88 -20.11 7.16 27.49
N GLY D 89 -18.95 7.79 27.72
CA GLY D 89 -18.80 8.50 28.98
C GLY D 89 -17.46 9.19 29.10
N LYS D 90 -17.25 9.79 30.27
CA LYS D 90 -16.00 10.44 30.62
C LYS D 90 -15.47 9.81 31.90
N ILE D 91 -14.18 10.00 32.18
CA ILE D 91 -13.61 9.40 33.37
C ILE D 91 -14.21 10.02 34.63
N ASN D 92 -14.48 11.32 34.59
CA ASN D 92 -15.18 12.02 35.65
C ASN D 92 -15.84 13.26 35.05
N PRO D 93 -16.75 13.90 35.78
CA PRO D 93 -17.60 14.92 35.14
C PRO D 93 -16.87 16.13 34.59
N SER D 94 -15.65 16.40 35.04
CA SER D 94 -14.91 17.56 34.57
C SER D 94 -13.86 17.24 33.51
N ALA D 95 -13.66 15.96 33.19
CA ALA D 95 -12.62 15.59 32.23
C ALA D 95 -13.00 16.03 30.83
N PRO D 96 -12.02 16.41 30.00
CA PRO D 96 -12.38 16.95 28.67
C PRO D 96 -12.84 15.90 27.67
N PHE D 97 -12.31 14.68 27.71
CA PHE D 97 -12.61 13.72 26.66
C PHE D 97 -13.80 12.83 26.99
N LEU D 98 -14.60 12.58 25.96
CA LEU D 98 -15.64 11.58 25.97
C LEU D 98 -15.22 10.44 25.05
N PHE D 99 -15.44 9.20 25.49
CA PHE D 99 -15.12 8.00 24.74
C PHE D 99 -16.42 7.22 24.51
N ALA D 100 -16.55 6.60 23.33
CA ALA D 100 -17.77 5.87 23.00
C ALA D 100 -17.42 4.56 22.32
N ILE D 101 -18.23 3.54 22.60
CA ILE D 101 -18.13 2.22 21.98
C ILE D 101 -19.54 1.84 21.53
N ASP D 102 -19.74 1.76 20.21
CA ASP D 102 -21.07 1.69 19.62
C ASP D 102 -21.19 0.51 18.67
N PRO D 103 -21.80 -0.60 19.12
CA PRO D 103 -22.04 -1.74 18.21
C PRO D 103 -23.24 -1.40 17.31
N ASN D 104 -23.05 -1.50 16.01
CA ASN D 104 -24.05 -1.03 15.05
C ASN D 104 -24.15 -2.03 13.90
N ASP D 105 -25.33 -2.12 13.30
CA ASP D 105 -25.41 -2.84 12.04
C ASP D 105 -24.73 -2.04 10.93
N GLY D 106 -24.30 -2.75 9.90
CA GLY D 106 -23.63 -2.15 8.77
C GLY D 106 -22.18 -2.55 8.70
N ASP D 107 -21.40 -1.76 7.95
CA ASP D 107 -19.97 -2.03 7.78
C ASP D 107 -19.22 -0.71 7.75
N CYS D 108 -17.92 -0.79 7.47
CA CYS D 108 -17.02 0.36 7.61
C CYS D 108 -16.73 1.04 6.28
N SER D 109 -17.58 0.79 5.27
CA SER D 109 -17.36 1.27 3.92
C SER D 109 -18.24 2.44 3.54
N THR D 110 -19.16 2.86 4.40
CA THR D 110 -20.23 3.74 3.94
C THR D 110 -20.03 5.19 4.36
N ASP D 111 -20.60 6.07 3.54
CA ASP D 111 -20.69 7.50 3.77
C ASP D 111 -19.35 8.22 3.68
N PHE D 112 -18.47 7.70 2.83
CA PHE D 112 -17.29 8.42 2.36
C PHE D 112 -16.98 7.91 0.97
C3' NHE E . 29.71 -18.76 -24.98
C2' NHE E . 29.41 -17.29 -25.30
C1' NHE E . 28.47 -16.54 -24.35
C6' NHE E . 28.79 -16.81 -22.88
N NHE E . 28.52 -15.08 -24.65
C1 NHE E . 27.42 -14.35 -24.02
C2 NHE E . 27.35 -12.93 -24.60
S NHE E . 25.79 -12.05 -24.26
O1 NHE E . 25.58 -11.88 -22.77
O2 NHE E . 24.70 -12.92 -24.80
O3 NHE E . 25.81 -10.74 -24.97
C5' NHE E . 28.78 -18.32 -22.60
C4' NHE E . 29.74 -19.10 -23.49
C3' NHE F . 19.64 0.11 3.62
C2' NHE F . 18.42 -0.72 4.01
C1' NHE F . 18.55 -1.42 5.36
C6' NHE F . 19.08 -0.44 6.41
N NHE F . 17.26 -1.93 5.83
C1 NHE F . 16.55 -2.77 4.86
C2 NHE F . 15.66 -3.75 5.63
S NHE F . 14.49 -4.61 4.54
O1 NHE F . 13.99 -5.82 5.25
O2 NHE F . 15.25 -5.05 3.32
O3 NHE F . 13.40 -3.63 4.20
C5' NHE F . 20.49 0.04 6.10
C4' NHE F . 20.81 0.17 4.60
C3' NHE G . 1.29 -3.61 2.52
C2' NHE G . 0.78 -2.47 1.64
C1' NHE G . 1.84 -1.39 1.41
C6' NHE G . 3.13 -2.01 0.86
N NHE G . 1.40 -0.40 0.42
C1 NHE G . 0.21 0.33 0.82
C2 NHE G . 0.09 1.50 -0.15
S NHE G . -1.40 2.45 0.23
O1 NHE G . -2.57 1.59 -0.09
O2 NHE G . -1.37 2.87 1.68
O3 NHE G . -1.37 3.70 -0.59
C5' NHE G . 3.70 -3.09 1.79
C4' NHE G . 2.68 -4.15 2.18
C3' NHE H . -4.01 17.28 31.45
C2' NHE H . -4.82 16.10 31.96
C1' NHE H . -6.04 15.79 31.09
C6' NHE H . -6.32 16.85 30.01
N NHE H . -5.86 14.50 30.42
C1 NHE H . -7.10 14.13 29.77
C2 NHE H . -7.81 13.07 30.62
S NHE H . -9.18 12.39 29.66
O1 NHE H . -8.58 11.85 28.40
O2 NHE H . -9.84 11.36 30.51
O3 NHE H . -10.15 13.48 29.40
C5' NHE H . -6.20 18.28 30.53
C4' NHE H . -4.90 18.53 31.28
#